data_7Y9C
#
_entry.id   7Y9C
#
_cell.length_a   106.280
_cell.length_b   46.046
_cell.length_c   124.780
_cell.angle_alpha   90.000
_cell.angle_beta   103.350
_cell.angle_gamma   90.000
#
_symmetry.space_group_name_H-M   'I 1 2 1'
#
loop_
_entity.id
_entity.type
_entity.pdbx_description
1 polymer 'Protein-L-histidine N-pros-methyltransferase'
2 polymer SLC39A5
3 non-polymer S-ADENOSYL-L-HOMOCYSTEINE
4 water water
#
loop_
_entity_poly.entity_id
_entity_poly.type
_entity_poly.pdbx_seq_one_letter_code
_entity_poly.pdbx_strand_id
1 'polypeptide(L)'
;HMAAGGRKENHQWYVCNREKLCESLQAVFVQSYLDQGTQIFLNNSIEKSGWAAIQAYHSAVSSAFSLAMSRTSINGLLGR
GSMFVFSPDQFQRLLKINPDWKTHRLLDLGAGDGEVTKIMSPHFEEIYATELSETMIWQLQKKKYRVLGINEWQNTGFQY
DVISCLNLLDRCDQPLTLLKDIRSVLEPTRGRVILALVLPFHPYVENVGGKWEKPSEILEIKGQNWEEQVNSLPEVFRKA
GFVIEAFTRLPYLCEGDMYNDYYVLDDAVFVLKPV
;
A,B
2 'polypeptide(L)' GHQGHS(MHS)GHQGGY C,D
#
# COMPACT_ATOMS: atom_id res chain seq x y z
N MET A 2 40.56 11.75 -10.34
CA MET A 2 40.09 12.75 -11.31
C MET A 2 41.11 13.88 -11.57
N ALA A 3 41.13 14.34 -12.82
CA ALA A 3 42.05 15.38 -13.25
C ALA A 3 41.29 16.60 -13.72
N ALA A 4 41.86 17.78 -13.46
CA ALA A 4 41.17 19.03 -13.82
C ALA A 4 40.92 19.12 -15.33
N GLY A 5 41.72 18.43 -16.14
CA GLY A 5 41.49 18.32 -17.57
C GLY A 5 40.97 16.97 -18.04
N GLY A 6 40.57 16.09 -17.14
CA GLY A 6 40.01 14.80 -17.54
C GLY A 6 38.60 14.98 -18.09
N ARG A 7 38.40 14.61 -19.36
CA ARG A 7 37.10 14.76 -19.98
C ARG A 7 36.16 13.62 -19.57
N LYS A 8 34.87 13.94 -19.48
CA LYS A 8 33.79 12.98 -19.23
C LYS A 8 33.81 12.40 -17.82
N GLU A 9 34.42 13.09 -16.87
CA GLU A 9 34.43 12.62 -15.49
C GLU A 9 33.31 13.22 -14.65
N ASN A 10 32.58 14.21 -15.20
CA ASN A 10 31.45 14.85 -14.54
C ASN A 10 31.82 15.28 -13.11
N HIS A 11 32.90 16.08 -13.03
CA HIS A 11 33.43 16.52 -11.75
C HIS A 11 32.34 17.14 -10.88
N GLN A 12 31.43 17.89 -11.52
CA GLN A 12 30.38 18.57 -10.78
C GLN A 12 29.51 17.59 -9.97
N TRP A 13 29.51 16.30 -10.34
CA TRP A 13 28.74 15.30 -9.60
C TRP A 13 29.36 14.93 -8.25
N TYR A 14 30.68 15.15 -8.07
CA TYR A 14 31.42 14.60 -6.94
C TYR A 14 32.22 15.62 -6.11
N VAL A 15 32.70 16.74 -6.68
CA VAL A 15 33.54 17.65 -5.92
C VAL A 15 32.67 18.54 -5.05
N CYS A 16 33.24 19.04 -3.95
CA CYS A 16 32.62 20.17 -3.27
C CYS A 16 33.73 21.16 -2.94
N ASN A 17 33.34 22.36 -2.49
CA ASN A 17 34.33 23.32 -2.05
C ASN A 17 34.58 23.03 -0.58
N ARG A 18 35.65 22.31 -0.30
CA ARG A 18 35.91 21.83 1.05
C ARG A 18 36.08 22.96 2.05
N GLU A 19 36.57 24.13 1.58
CA GLU A 19 36.72 25.24 2.51
C GLU A 19 35.36 25.79 2.96
N LYS A 20 34.29 25.56 2.19
CA LYS A 20 32.95 25.97 2.58
C LYS A 20 32.33 25.07 3.65
N LEU A 21 32.87 23.86 3.82
CA LEU A 21 32.42 22.95 4.87
C LEU A 21 32.93 23.41 6.22
N CYS A 22 32.13 23.19 7.26
CA CYS A 22 32.64 23.43 8.60
C CYS A 22 33.79 22.47 8.88
N GLU A 23 34.66 22.88 9.82
CA GLU A 23 35.92 22.16 10.02
C GLU A 23 35.70 20.69 10.36
N SER A 24 34.74 20.40 11.23
CA SER A 24 34.48 19.01 11.62
C SER A 24 34.00 18.16 10.44
N LEU A 25 33.30 18.77 9.48
CA LEU A 25 32.91 18.03 8.28
C LEU A 25 34.06 17.87 7.29
N GLN A 26 34.99 18.83 7.25
CA GLN A 26 36.18 18.66 6.42
C GLN A 26 36.94 17.40 6.80
N ALA A 27 37.03 17.10 8.08
CA ALA A 27 37.80 15.94 8.53
C ALA A 27 37.21 14.62 8.07
N VAL A 28 35.91 14.56 7.78
CA VAL A 28 35.25 13.28 7.52
C VAL A 28 34.66 13.20 6.12
N PHE A 29 34.89 14.22 5.28
CA PHE A 29 34.49 14.11 3.89
C PHE A 29 35.31 13.04 3.18
N VAL A 30 34.64 12.24 2.36
CA VAL A 30 35.23 11.21 1.55
C VAL A 30 34.99 11.57 0.10
N GLN A 31 36.06 11.65 -0.70
CA GLN A 31 35.90 11.93 -2.13
C GLN A 31 35.47 10.67 -2.86
N SER A 32 34.38 10.76 -3.63
CA SER A 32 33.94 9.71 -4.53
C SER A 32 34.19 10.13 -5.97
N TYR A 33 34.13 9.17 -6.89
CA TYR A 33 34.48 9.37 -8.29
CA TYR A 33 34.38 9.48 -8.29
C TYR A 33 33.51 8.59 -9.17
N LEU A 34 33.43 8.96 -10.45
CA LEU A 34 32.68 8.19 -11.43
C LEU A 34 33.36 6.86 -11.69
N ASP A 35 32.94 5.80 -11.00
CA ASP A 35 33.70 4.56 -11.05
C ASP A 35 33.04 3.55 -11.99
N GLN A 36 33.56 2.33 -11.98
CA GLN A 36 33.09 1.30 -12.90
C GLN A 36 31.61 1.01 -12.73
N GLY A 37 31.15 0.83 -11.50
CA GLY A 37 29.76 0.50 -11.27
C GLY A 37 28.82 1.62 -11.67
N THR A 38 29.25 2.86 -11.43
CA THR A 38 28.45 3.98 -11.91
C THR A 38 28.33 3.94 -13.44
N GLN A 39 29.42 3.64 -14.14
CA GLN A 39 29.37 3.66 -15.60
C GLN A 39 28.50 2.53 -16.15
N ILE A 40 28.49 1.38 -15.47
CA ILE A 40 27.63 0.28 -15.89
C ILE A 40 26.16 0.70 -15.79
N PHE A 41 25.78 1.28 -14.65
CA PHE A 41 24.44 1.82 -14.54
C PHE A 41 24.14 2.81 -15.66
N LEU A 42 25.08 3.73 -15.94
CA LEU A 42 24.84 4.72 -16.99
C LEU A 42 24.74 4.06 -18.36
N ASN A 43 25.65 3.12 -18.66
CA ASN A 43 25.59 2.47 -19.97
C ASN A 43 24.34 1.61 -20.10
N ASN A 44 23.92 0.95 -19.00
CA ASN A 44 22.67 0.20 -19.00
C ASN A 44 21.47 1.12 -19.27
N SER A 45 21.47 2.30 -18.66
CA SER A 45 20.34 3.21 -18.82
C SER A 45 20.28 3.73 -20.25
N ILE A 46 21.42 4.10 -20.80
CA ILE A 46 21.48 4.57 -22.18
C ILE A 46 20.91 3.51 -23.13
N GLU A 47 21.35 2.26 -22.96
CA GLU A 47 20.78 1.17 -23.75
C GLU A 47 19.27 1.11 -23.61
N LYS A 48 18.77 1.15 -22.36
CA LYS A 48 17.34 1.06 -22.11
C LYS A 48 16.58 2.18 -22.81
N SER A 49 17.13 3.39 -22.74
CA SER A 49 16.49 4.55 -23.35
C SER A 49 16.46 4.45 -24.87
N GLY A 50 17.31 3.61 -25.44
CA GLY A 50 17.30 3.30 -26.86
C GLY A 50 16.34 2.21 -27.27
N TRP A 51 15.64 1.56 -26.33
CA TRP A 51 14.57 0.61 -26.68
C TRP A 51 13.28 1.40 -26.82
N ALA A 52 13.06 1.93 -28.03
CA ALA A 52 11.99 2.90 -28.24
C ALA A 52 10.61 2.30 -27.97
N ALA A 53 10.39 1.04 -28.35
CA ALA A 53 9.07 0.43 -28.16
C ALA A 53 8.77 0.27 -26.67
N ILE A 54 9.80 0.01 -25.86
CA ILE A 54 9.59 -0.10 -24.42
C ILE A 54 9.27 1.26 -23.83
N GLN A 55 10.08 2.27 -24.16
CA GLN A 55 9.85 3.62 -23.66
C GLN A 55 8.46 4.13 -24.04
N ALA A 56 8.01 3.84 -25.25
CA ALA A 56 6.71 4.33 -25.69
C ALA A 56 5.57 3.65 -24.93
N TYR A 57 5.70 2.35 -24.69
CA TYR A 57 4.74 1.64 -23.83
C TYR A 57 4.70 2.23 -22.44
N HIS A 58 5.87 2.37 -21.79
CA HIS A 58 5.90 2.95 -20.45
C HIS A 58 5.26 4.33 -20.43
N SER A 59 5.52 5.12 -21.47
CA SER A 59 5.02 6.48 -21.48
C SER A 59 3.51 6.50 -21.72
N ALA A 60 2.98 5.54 -22.49
CA ALA A 60 1.53 5.49 -22.69
C ALA A 60 0.81 5.02 -21.43
N VAL A 61 1.37 4.02 -20.73
CA VAL A 61 0.76 3.57 -19.48
C VAL A 61 0.81 4.67 -18.43
N SER A 62 1.96 5.36 -18.34
CA SER A 62 2.08 6.41 -17.35
C SER A 62 1.05 7.51 -17.62
N SER A 63 0.80 7.80 -18.89
CA SER A 63 -0.16 8.83 -19.27
C SER A 63 -1.59 8.41 -18.93
N ALA A 64 -1.93 7.15 -19.19
CA ALA A 64 -3.32 6.72 -19.02
C ALA A 64 -3.71 6.62 -17.55
N PHE A 65 -2.77 6.28 -16.67
CA PHE A 65 -3.10 5.89 -15.31
C PHE A 65 -2.52 6.82 -14.26
N SER A 66 -1.96 7.97 -14.68
CA SER A 66 -1.30 8.86 -13.74
C SER A 66 -2.27 9.51 -12.77
N LEU A 67 -3.56 9.53 -13.09
CA LEU A 67 -4.54 10.12 -12.19
C LEU A 67 -4.94 9.17 -11.07
N ALA A 68 -4.76 7.87 -11.28
CA ALA A 68 -5.21 6.85 -10.34
C ALA A 68 -4.10 6.30 -9.44
N MET A 69 -2.84 6.53 -9.77
CA MET A 69 -1.74 5.91 -9.05
C MET A 69 -0.59 6.89 -8.93
N SER A 70 0.15 6.79 -7.84
CA SER A 70 1.37 7.56 -7.69
C SER A 70 2.33 7.27 -8.85
N ARG A 71 3.27 8.20 -9.09
CA ARG A 71 4.37 7.95 -10.00
C ARG A 71 5.17 6.73 -9.55
N THR A 72 5.42 6.64 -8.24
CA THR A 72 6.22 5.53 -7.73
C THR A 72 5.55 4.18 -8.03
N SER A 73 4.23 4.12 -7.89
CA SER A 73 3.52 2.87 -8.12
C SER A 73 3.47 2.51 -9.61
N ILE A 74 3.29 3.51 -10.49
CA ILE A 74 3.42 3.25 -11.92
C ILE A 74 4.80 2.67 -12.25
N ASN A 75 5.86 3.29 -11.73
CA ASN A 75 7.20 2.76 -11.99
C ASN A 75 7.33 1.32 -11.51
N GLY A 76 6.85 1.02 -10.30
CA GLY A 76 6.91 -0.34 -9.79
C GLY A 76 6.04 -1.30 -10.60
N LEU A 77 4.89 -0.83 -11.06
CA LEU A 77 4.04 -1.65 -11.91
C LEU A 77 4.78 -2.09 -13.17
N LEU A 78 5.49 -1.16 -13.83
CA LEU A 78 6.20 -1.47 -15.07
C LEU A 78 7.62 -1.97 -14.86
N GLY A 79 8.20 -1.80 -13.68
CA GLY A 79 9.58 -2.17 -13.49
C GLY A 79 10.50 -1.22 -14.20
N ARG A 80 10.28 0.08 -14.04
CA ARG A 80 11.02 1.10 -14.77
C ARG A 80 11.55 2.16 -13.82
N GLY A 81 12.37 3.06 -14.35
CA GLY A 81 12.81 4.21 -13.58
C GLY A 81 13.58 3.85 -12.32
N SER A 82 14.43 2.82 -12.37
CA SER A 82 15.26 2.44 -11.26
C SER A 82 16.38 3.45 -11.07
N MET A 83 17.01 3.40 -9.90
CA MET A 83 17.89 4.47 -9.51
C MET A 83 19.19 3.90 -8.97
N PHE A 84 20.11 4.81 -8.66
CA PHE A 84 21.47 4.46 -8.30
C PHE A 84 21.97 5.52 -7.34
N VAL A 85 22.47 5.09 -6.19
CA VAL A 85 23.05 6.00 -5.20
C VAL A 85 24.56 5.80 -5.09
N PHE A 86 24.99 4.54 -5.00
CA PHE A 86 26.40 4.22 -4.88
C PHE A 86 26.62 2.86 -5.54
N SER A 87 27.84 2.65 -5.97
CA SER A 87 28.31 1.34 -6.38
C SER A 87 28.66 0.52 -5.15
N PRO A 88 28.82 -0.80 -5.29
CA PRO A 88 29.31 -1.57 -4.14
C PRO A 88 30.64 -1.04 -3.63
N ASP A 89 31.53 -0.62 -4.54
CA ASP A 89 32.82 -0.07 -4.10
C ASP A 89 32.65 1.23 -3.31
N GLN A 90 31.76 2.13 -3.77
CA GLN A 90 31.55 3.38 -3.06
C GLN A 90 30.91 3.13 -1.70
N PHE A 91 29.99 2.17 -1.64
CA PHE A 91 29.35 1.82 -0.38
C PHE A 91 30.38 1.29 0.61
N GLN A 92 31.24 0.38 0.15
CA GLN A 92 32.27 -0.19 1.01
C GLN A 92 33.32 0.85 1.43
N ARG A 93 33.74 1.71 0.50
CA ARG A 93 34.67 2.76 0.87
C ARG A 93 34.04 3.72 1.88
N LEU A 94 32.74 3.93 1.79
CA LEU A 94 32.12 4.88 2.70
C LEU A 94 31.92 4.27 4.09
N LEU A 95 31.51 3.01 4.16
CA LEU A 95 31.36 2.32 5.43
C LEU A 95 32.71 1.85 6.00
N LYS A 96 33.76 1.83 5.19
CA LYS A 96 35.08 1.32 5.60
C LYS A 96 35.00 -0.16 5.94
N ILE A 97 34.46 -0.94 5.00
CA ILE A 97 34.37 -2.39 5.11
C ILE A 97 35.03 -2.98 3.88
N ASN A 98 35.40 -4.22 3.99
CA ASN A 98 36.02 -4.90 2.85
C ASN A 98 34.96 -5.62 2.03
N PRO A 99 35.27 -5.98 0.76
CA PRO A 99 34.27 -6.64 -0.09
C PRO A 99 33.59 -7.87 0.50
N ASP A 100 34.21 -8.55 1.47
CA ASP A 100 33.64 -9.77 2.03
C ASP A 100 33.02 -9.57 3.39
N TRP A 101 32.98 -8.33 3.87
CA TRP A 101 32.40 -8.05 5.17
C TRP A 101 30.93 -8.42 5.19
N LYS A 102 30.48 -9.02 6.30
CA LYS A 102 29.10 -9.42 6.43
C LYS A 102 28.66 -9.25 7.88
N THR A 103 27.40 -8.86 8.06
CA THR A 103 26.80 -8.77 9.38
C THR A 103 25.38 -9.34 9.29
N HIS A 104 24.61 -9.17 10.34
CA HIS A 104 23.39 -9.97 10.51
C HIS A 104 22.20 -9.37 9.74
N ARG A 105 21.80 -8.14 10.06
CA ARG A 105 20.52 -7.61 9.62
C ARG A 105 20.66 -6.22 9.02
N LEU A 106 20.11 -6.05 7.81
CA LEU A 106 19.90 -4.77 7.17
C LEU A 106 18.43 -4.41 7.22
N LEU A 107 18.12 -3.15 7.49
CA LEU A 107 16.78 -2.60 7.28
C LEU A 107 16.89 -1.40 6.35
N ASP A 108 16.20 -1.45 5.20
CA ASP A 108 16.20 -0.38 4.22
C ASP A 108 14.82 0.24 4.23
N LEU A 109 14.72 1.47 4.71
CA LEU A 109 13.44 2.15 4.84
C LEU A 109 13.09 2.90 3.57
N GLY A 110 11.84 2.75 3.11
CA GLY A 110 11.43 3.33 1.85
C GLY A 110 12.33 2.84 0.74
N ALA A 111 12.42 1.52 0.59
CA ALA A 111 13.40 0.91 -0.30
C ALA A 111 13.05 1.03 -1.78
N GLY A 112 11.92 1.62 -2.15
CA GLY A 112 11.55 1.65 -3.56
C GLY A 112 11.48 0.26 -4.14
N ASP A 113 11.97 0.11 -5.39
CA ASP A 113 11.99 -1.19 -6.06
C ASP A 113 13.18 -2.06 -5.67
N GLY A 114 14.07 -1.57 -4.80
CA GLY A 114 15.12 -2.42 -4.28
C GLY A 114 16.41 -2.46 -5.07
N GLU A 115 16.49 -1.73 -6.21
CA GLU A 115 17.72 -1.79 -6.99
C GLU A 115 18.87 -1.07 -6.29
N VAL A 116 18.57 -0.13 -5.38
CA VAL A 116 19.66 0.41 -4.55
C VAL A 116 19.93 -0.51 -3.37
N THR A 117 18.87 -1.07 -2.77
CA THR A 117 19.04 -2.06 -1.70
C THR A 117 19.95 -3.19 -2.13
N LYS A 118 19.78 -3.66 -3.37
CA LYS A 118 20.53 -4.81 -3.86
C LYS A 118 22.04 -4.56 -3.88
N ILE A 119 22.46 -3.30 -3.99
CA ILE A 119 23.89 -2.99 -3.91
C ILE A 119 24.44 -3.36 -2.53
N MET A 120 23.65 -3.13 -1.49
CA MET A 120 24.04 -3.38 -0.11
C MET A 120 23.79 -4.81 0.33
N SER A 121 22.85 -5.51 -0.30
CA SER A 121 22.38 -6.81 0.20
C SER A 121 23.46 -7.85 0.46
N PRO A 122 24.52 -8.00 -0.35
CA PRO A 122 25.46 -9.11 -0.09
C PRO A 122 26.16 -9.02 1.24
N HIS A 123 26.07 -7.91 1.94
CA HIS A 123 26.76 -7.76 3.22
C HIS A 123 25.92 -8.18 4.41
N PHE A 124 24.77 -8.80 4.19
CA PHE A 124 23.84 -9.06 5.27
C PHE A 124 23.23 -10.46 5.13
N GLU A 125 22.98 -11.10 6.27
CA GLU A 125 22.32 -12.40 6.24
C GLU A 125 20.82 -12.27 6.05
N GLU A 126 20.21 -11.19 6.58
CA GLU A 126 18.77 -10.95 6.50
C GLU A 126 18.53 -9.52 6.07
N ILE A 127 17.61 -9.32 5.14
CA ILE A 127 17.30 -8.00 4.61
C ILE A 127 15.83 -7.72 4.85
N TYR A 128 15.54 -6.59 5.49
CA TYR A 128 14.19 -6.12 5.72
C TYR A 128 14.04 -4.78 5.04
N ALA A 129 12.81 -4.42 4.72
CA ALA A 129 12.54 -3.15 4.05
C ALA A 129 11.13 -2.69 4.40
N THR A 130 10.91 -1.38 4.30
CA THR A 130 9.58 -0.79 4.34
C THR A 130 9.32 -0.04 3.04
N GLU A 131 8.04 0.16 2.75
CA GLU A 131 7.66 0.84 1.51
C GLU A 131 6.16 1.08 1.55
N LEU A 132 5.73 2.23 1.02
CA LEU A 132 4.32 2.58 0.98
C LEU A 132 3.64 2.20 -0.34
N SER A 133 4.40 2.02 -1.41
CA SER A 133 3.83 1.69 -2.72
C SER A 133 3.56 0.19 -2.82
N GLU A 134 2.32 -0.17 -3.12
CA GLU A 134 1.92 -1.56 -3.38
C GLU A 134 2.82 -2.25 -4.39
N THR A 135 3.02 -1.64 -5.57
CA THR A 135 3.81 -2.33 -6.59
C THR A 135 5.27 -2.42 -6.18
N MET A 136 5.77 -1.42 -5.44
CA MET A 136 7.15 -1.51 -4.96
C MET A 136 7.31 -2.63 -3.94
N ILE A 137 6.31 -2.84 -3.08
CA ILE A 137 6.35 -3.97 -2.16
C ILE A 137 6.48 -5.28 -2.94
N TRP A 138 5.77 -5.40 -4.07
CA TRP A 138 5.89 -6.60 -4.88
C TRP A 138 7.31 -6.75 -5.43
N GLN A 139 7.89 -5.65 -5.92
CA GLN A 139 9.28 -5.69 -6.39
C GLN A 139 10.24 -6.11 -5.27
N LEU A 140 10.04 -5.60 -4.06
CA LEU A 140 10.89 -5.98 -2.92
C LEU A 140 10.71 -7.46 -2.59
N GLN A 141 9.47 -7.96 -2.67
CA GLN A 141 9.26 -9.36 -2.38
C GLN A 141 9.83 -10.26 -3.47
N LYS A 142 9.81 -9.85 -4.74
CA LYS A 142 10.48 -10.65 -5.78
C LYS A 142 11.98 -10.78 -5.50
N LYS A 143 12.58 -9.76 -4.89
CA LYS A 143 13.97 -9.85 -4.46
C LYS A 143 14.15 -10.63 -3.16
N LYS A 144 13.06 -11.18 -2.60
CA LYS A 144 13.08 -11.96 -1.37
C LYS A 144 13.47 -11.12 -0.14
N TYR A 145 13.24 -9.82 -0.16
CA TYR A 145 13.40 -9.04 1.06
C TYR A 145 12.16 -9.18 1.94
N ARG A 146 12.37 -9.15 3.26
CA ARG A 146 11.23 -9.19 4.18
C ARG A 146 10.66 -7.78 4.32
N VAL A 147 9.43 -7.59 3.85
CA VAL A 147 8.77 -6.29 3.91
C VAL A 147 8.02 -6.20 5.23
N LEU A 148 8.36 -5.20 6.06
CA LEU A 148 7.68 -4.96 7.32
C LEU A 148 6.77 -3.74 7.20
N GLY A 149 5.68 -3.75 7.96
CA GLY A 149 4.86 -2.56 8.06
C GLY A 149 5.67 -1.37 8.52
N ILE A 150 5.11 -0.17 8.30
CA ILE A 150 5.83 1.07 8.60
C ILE A 150 5.82 1.41 10.09
N ASN A 151 4.95 0.77 10.88
CA ASN A 151 5.03 0.76 12.33
C ASN A 151 5.33 -0.63 12.87
N GLU A 152 5.76 -1.53 12.00
CA GLU A 152 6.11 -2.86 12.46
C GLU A 152 7.59 -2.99 12.79
N TRP A 153 8.45 -2.30 12.04
CA TRP A 153 9.90 -2.51 12.17
C TRP A 153 10.43 -2.07 13.51
N GLN A 154 9.78 -1.10 14.16
CA GLN A 154 10.25 -0.66 15.46
C GLN A 154 9.95 -1.63 16.59
N ASN A 155 9.13 -2.67 16.35
CA ASN A 155 8.62 -3.51 17.42
C ASN A 155 8.89 -4.99 17.18
N THR A 156 9.98 -5.34 16.50
CA THR A 156 10.20 -6.74 16.17
C THR A 156 10.82 -7.55 17.30
N GLY A 157 11.39 -6.90 18.31
CA GLY A 157 12.11 -7.60 19.33
C GLY A 157 13.58 -7.86 19.03
N PHE A 158 14.08 -7.37 17.89
CA PHE A 158 15.51 -7.42 17.61
C PHE A 158 15.94 -6.07 17.06
N GLN A 159 17.25 -5.87 17.01
CA GLN A 159 17.81 -4.63 16.49
C GLN A 159 18.43 -4.87 15.12
N TYR A 160 18.81 -3.78 14.45
CA TYR A 160 19.33 -3.85 13.09
C TYR A 160 20.78 -3.37 13.06
N ASP A 161 21.61 -4.09 12.31
CA ASP A 161 23.04 -3.80 12.32
C ASP A 161 23.40 -2.65 11.40
N VAL A 162 22.65 -2.47 10.31
CA VAL A 162 22.74 -1.29 9.46
C VAL A 162 21.32 -0.90 9.13
N ILE A 163 20.97 0.37 9.31
CA ILE A 163 19.69 0.88 8.84
C ILE A 163 19.99 1.88 7.74
N SER A 164 19.37 1.68 6.58
CA SER A 164 19.60 2.60 5.48
C SER A 164 18.34 3.41 5.25
N CYS A 165 18.52 4.69 5.01
CA CYS A 165 17.41 5.60 4.87
C CYS A 165 17.81 6.51 3.73
N LEU A 166 17.70 5.98 2.51
CA LEU A 166 18.21 6.64 1.31
C LEU A 166 17.06 7.41 0.67
N ASN A 167 17.19 8.74 0.62
CA ASN A 167 16.28 9.60 -0.12
C ASN A 167 14.83 9.46 0.32
N LEU A 168 14.63 9.14 1.60
CA LEU A 168 13.31 9.11 2.21
C LEU A 168 13.00 10.34 3.04
N LEU A 169 14.00 10.92 3.72
CA LEU A 169 13.71 12.02 4.64
C LEU A 169 12.99 13.18 3.96
N ASP A 170 13.24 13.43 2.67
CA ASP A 170 12.50 14.49 2.00
C ASP A 170 11.19 14.02 1.36
N ARG A 171 10.81 12.76 1.58
CA ARG A 171 9.58 12.19 1.02
C ARG A 171 8.64 11.60 2.06
N CYS A 172 8.95 11.65 3.33
CA CYS A 172 8.07 11.07 4.32
C CYS A 172 7.43 12.12 5.21
N ASP A 173 6.30 11.75 5.82
CA ASP A 173 5.49 12.70 6.57
C ASP A 173 6.18 13.16 7.86
N GLN A 174 6.92 12.28 8.53
CA GLN A 174 7.49 12.58 9.84
C GLN A 174 8.97 12.23 9.90
N PRO A 175 9.82 13.03 9.25
CA PRO A 175 11.25 12.67 9.20
C PRO A 175 11.93 12.67 10.55
N LEU A 176 11.50 13.52 11.49
CA LEU A 176 12.18 13.56 12.77
C LEU A 176 11.80 12.37 13.64
N THR A 177 10.51 12.02 13.66
CA THR A 177 10.11 10.77 14.28
C THR A 177 10.81 9.59 13.64
N LEU A 178 11.02 9.63 12.31
CA LEU A 178 11.71 8.54 11.64
C LEU A 178 13.15 8.40 12.14
N LEU A 179 13.89 9.52 12.18
CA LEU A 179 15.27 9.46 12.67
C LEU A 179 15.33 8.92 14.10
N LYS A 180 14.38 9.32 14.95
CA LYS A 180 14.39 8.87 16.34
C LYS A 180 14.04 7.39 16.46
N ASP A 181 13.04 6.92 15.70
CA ASP A 181 12.76 5.49 15.62
C ASP A 181 14.00 4.71 15.18
N ILE A 182 14.73 5.23 14.18
CA ILE A 182 15.93 4.53 13.71
C ILE A 182 16.94 4.37 14.84
N ARG A 183 17.20 5.46 15.57
CA ARG A 183 18.16 5.41 16.68
C ARG A 183 17.73 4.40 17.75
N SER A 184 16.43 4.24 17.96
CA SER A 184 15.99 3.41 19.07
C SER A 184 16.12 1.92 18.80
N VAL A 185 16.26 1.49 17.55
CA VAL A 185 16.37 0.06 17.23
C VAL A 185 17.64 -0.29 16.49
N LEU A 186 18.55 0.67 16.32
CA LEU A 186 19.86 0.37 15.79
C LEU A 186 20.71 -0.33 16.85
N GLU A 187 21.40 -1.40 16.45
CA GLU A 187 22.34 -2.08 17.33
C GLU A 187 23.40 -1.08 17.79
N PRO A 188 23.55 -0.86 19.10
CA PRO A 188 24.31 0.31 19.56
C PRO A 188 25.82 0.16 19.59
N THR A 189 26.37 -1.06 19.71
CA THR A 189 27.83 -1.14 19.82
C THR A 189 28.51 -1.06 18.46
N ARG A 190 27.88 -1.56 17.40
CA ARG A 190 28.53 -1.60 16.10
C ARG A 190 27.63 -1.16 14.96
N GLY A 191 26.36 -0.86 15.21
CA GLY A 191 25.46 -0.51 14.13
C GLY A 191 25.74 0.85 13.53
N ARG A 192 25.39 0.99 12.25
CA ARG A 192 25.55 2.23 11.51
C ARG A 192 24.29 2.54 10.73
N VAL A 193 24.10 3.81 10.40
CA VAL A 193 23.00 4.25 9.56
C VAL A 193 23.60 4.79 8.28
N ILE A 194 23.01 4.42 7.14
CA ILE A 194 23.34 4.97 5.83
C ILE A 194 22.21 5.89 5.44
N LEU A 195 22.52 7.14 5.18
CA LEU A 195 21.51 8.15 4.94
C LEU A 195 21.87 8.92 3.68
N ALA A 196 20.90 9.14 2.81
CA ALA A 196 21.11 9.90 1.59
C ALA A 196 20.05 10.98 1.49
N LEU A 197 20.47 12.18 1.13
CA LEU A 197 19.53 13.29 1.04
C LEU A 197 19.83 14.09 -0.22
N VAL A 198 18.80 14.41 -0.98
CA VAL A 198 18.94 15.25 -2.16
C VAL A 198 18.99 16.72 -1.72
N LEU A 199 20.05 17.40 -2.10
CA LEU A 199 20.14 18.82 -1.85
C LEU A 199 20.10 19.57 -3.18
N PRO A 200 19.43 20.74 -3.25
CA PRO A 200 18.74 21.49 -2.19
C PRO A 200 17.61 20.70 -1.53
N PHE A 201 17.48 20.79 -0.21
CA PHE A 201 16.44 20.04 0.49
C PHE A 201 15.09 20.62 0.11
N HIS A 202 14.21 19.80 -0.50
CA HIS A 202 12.86 20.24 -0.83
C HIS A 202 11.91 19.09 -0.56
N PRO A 203 11.27 19.07 0.61
CA PRO A 203 10.47 17.91 1.01
C PRO A 203 9.01 18.03 0.61
N TYR A 204 8.42 16.87 0.31
CA TYR A 204 6.97 16.75 0.17
C TYR A 204 6.61 15.27 0.26
N VAL A 205 5.31 15.01 0.36
CA VAL A 205 4.79 13.65 0.47
C VAL A 205 4.05 13.34 -0.82
N GLU A 206 4.55 12.34 -1.55
CA GLU A 206 3.96 11.96 -2.82
C GLU A 206 2.56 11.38 -2.62
N ASN A 207 1.62 11.86 -3.41
CA ASN A 207 0.25 11.33 -3.45
C ASN A 207 -0.07 10.89 -4.88
N VAL A 208 -1.35 10.65 -5.12
CA VAL A 208 -1.79 10.21 -6.44
C VAL A 208 -1.96 11.42 -7.36
N GLY A 209 -1.82 11.17 -8.67
CA GLY A 209 -2.21 12.16 -9.66
C GLY A 209 -1.33 13.39 -9.72
N GLY A 210 -0.04 13.25 -9.38
CA GLY A 210 0.84 14.39 -9.26
C GLY A 210 0.59 15.26 -8.05
N LYS A 211 -0.45 14.97 -7.26
CA LYS A 211 -0.72 15.73 -6.06
C LYS A 211 0.35 15.47 -5.02
N TRP A 212 0.38 16.32 -4.00
CA TRP A 212 1.38 16.18 -2.94
C TRP A 212 0.95 17.03 -1.75
N GLU A 213 1.57 16.73 -0.62
CA GLU A 213 1.29 17.41 0.62
C GLU A 213 2.62 17.81 1.25
N LYS A 214 2.57 18.83 2.10
CA LYS A 214 3.74 19.14 2.91
C LYS A 214 3.83 18.15 4.06
N PRO A 215 5.05 17.80 4.48
CA PRO A 215 5.20 16.92 5.64
C PRO A 215 4.71 17.62 6.89
N SER A 216 4.35 16.83 7.89
CA SER A 216 3.90 17.39 9.16
C SER A 216 5.04 17.63 10.15
N GLU A 217 6.28 17.22 9.83
CA GLU A 217 7.44 17.55 10.66
C GLU A 217 8.50 18.24 9.82
N ILE A 218 9.18 19.22 10.42
CA ILE A 218 10.16 20.06 9.72
C ILE A 218 11.57 19.60 10.08
N LEU A 219 12.37 19.27 9.08
CA LEU A 219 13.81 19.14 9.25
C LEU A 219 14.45 20.51 9.05
N GLU A 220 15.37 20.86 9.95
CA GLU A 220 15.95 22.21 9.96
C GLU A 220 17.18 22.30 9.06
N ILE A 221 17.02 21.92 7.80
CA ILE A 221 18.11 21.92 6.84
C ILE A 221 18.08 23.24 6.07
N LYS A 222 19.20 23.98 6.12
CA LYS A 222 19.22 25.36 5.66
C LYS A 222 20.56 25.67 5.02
N GLY A 223 20.53 26.39 3.91
CA GLY A 223 21.77 26.80 3.28
C GLY A 223 21.55 27.23 1.85
N GLN A 224 22.49 28.05 1.37
CA GLN A 224 22.43 28.64 0.05
C GLN A 224 23.15 27.84 -1.03
N ASN A 225 23.90 26.80 -0.65
CA ASN A 225 24.53 25.89 -1.59
C ASN A 225 24.69 24.54 -0.91
N TRP A 226 25.21 23.56 -1.66
CA TRP A 226 25.36 22.20 -1.14
C TRP A 226 26.09 22.18 0.18
N GLU A 227 27.19 22.94 0.27
CA GLU A 227 28.05 22.88 1.43
C GLU A 227 27.37 23.44 2.67
N GLU A 228 26.66 24.56 2.54
CA GLU A 228 25.99 25.14 3.69
C GLU A 228 24.86 24.26 4.20
N GLN A 229 24.16 23.59 3.28
CA GLN A 229 23.07 22.72 3.71
C GLN A 229 23.61 21.49 4.42
N VAL A 230 24.67 20.88 3.87
CA VAL A 230 25.38 19.82 4.62
C VAL A 230 25.81 20.32 6.00
N ASN A 231 26.24 21.58 6.07
CA ASN A 231 26.71 22.14 7.33
C ASN A 231 25.62 22.19 8.40
N SER A 232 24.35 22.24 8.00
CA SER A 232 23.28 22.27 8.99
C SER A 232 22.91 20.89 9.51
N LEU A 233 23.46 19.84 8.93
CA LEU A 233 23.02 18.49 9.24
C LEU A 233 23.60 17.90 10.54
N PRO A 234 24.85 18.23 10.95
CA PRO A 234 25.33 17.70 12.23
C PRO A 234 24.38 17.97 13.37
N GLU A 235 23.79 19.17 13.42
CA GLU A 235 22.92 19.46 14.55
C GLU A 235 21.58 18.73 14.42
N VAL A 236 21.11 18.53 13.20
CA VAL A 236 19.90 17.76 12.98
C VAL A 236 20.11 16.31 13.42
N PHE A 237 21.25 15.73 13.06
CA PHE A 237 21.53 14.35 13.45
C PHE A 237 21.76 14.23 14.95
N ARG A 238 22.36 15.25 15.57
CA ARG A 238 22.60 15.22 17.01
C ARG A 238 21.29 15.12 17.79
N LYS A 239 20.28 15.90 17.39
CA LYS A 239 18.98 15.85 18.01
C LYS A 239 18.43 14.43 18.04
N ALA A 240 18.76 13.63 17.03
CA ALA A 240 18.33 12.25 16.93
C ALA A 240 19.35 11.26 17.48
N GLY A 241 20.46 11.74 18.02
CA GLY A 241 21.40 10.85 18.69
C GLY A 241 22.48 10.26 17.81
N PHE A 242 22.88 10.97 16.76
CA PHE A 242 23.86 10.48 15.80
C PHE A 242 24.95 11.52 15.56
N VAL A 243 26.16 11.04 15.29
CA VAL A 243 27.23 11.85 14.74
C VAL A 243 27.61 11.28 13.38
N ILE A 244 28.02 12.16 12.47
CA ILE A 244 28.45 11.76 11.12
C ILE A 244 29.85 11.14 11.20
N GLU A 245 29.97 9.90 10.74
CA GLU A 245 31.26 9.23 10.73
C GLU A 245 31.99 9.45 9.42
N ALA A 246 31.26 9.62 8.33
CA ALA A 246 31.83 9.88 7.03
C ALA A 246 30.69 10.36 6.16
N PHE A 247 31.04 11.05 5.07
CA PHE A 247 30.02 11.49 4.12
C PHE A 247 30.70 11.86 2.80
N THR A 248 29.89 11.86 1.75
CA THR A 248 30.39 12.04 0.39
C THR A 248 29.28 12.69 -0.42
N ARG A 249 29.68 13.20 -1.59
CA ARG A 249 28.76 13.74 -2.59
C ARG A 249 28.66 12.73 -3.71
N LEU A 250 27.44 12.42 -4.14
CA LEU A 250 27.28 11.34 -5.11
C LEU A 250 26.11 11.71 -6.00
N PRO A 251 26.19 11.46 -7.31
CA PRO A 251 25.04 11.74 -8.16
C PRO A 251 23.95 10.70 -7.92
N TYR A 252 22.72 11.18 -7.76
CA TYR A 252 21.55 10.33 -7.56
C TYR A 252 20.98 10.08 -8.94
N LEU A 253 21.39 8.96 -9.55
CA LEU A 253 21.12 8.66 -10.95
C LEU A 253 19.80 7.92 -11.09
N CYS A 254 19.15 8.08 -12.24
CA CYS A 254 17.86 7.48 -12.49
C CYS A 254 17.76 7.10 -13.96
N GLU A 255 17.17 5.95 -14.23
CA GLU A 255 16.97 5.55 -15.61
C GLU A 255 16.11 6.58 -16.34
N GLY A 256 16.27 6.62 -17.66
CA GLY A 256 15.74 7.69 -18.47
C GLY A 256 14.42 7.35 -19.14
N ASP A 257 14.07 8.16 -20.12
CA ASP A 257 12.79 7.97 -20.81
C ASP A 257 12.94 8.33 -22.28
N MET A 258 11.85 8.80 -22.89
CA MET A 258 11.90 9.17 -24.31
C MET A 258 12.77 10.39 -24.54
N TYR A 259 12.97 11.24 -23.52
CA TYR A 259 13.59 12.53 -23.74
C TYR A 259 15.04 12.60 -23.27
N ASN A 260 15.43 11.81 -22.27
CA ASN A 260 16.80 11.86 -21.79
C ASN A 260 17.25 10.44 -21.48
N ASP A 261 18.54 10.16 -21.73
CA ASP A 261 19.08 8.84 -21.45
C ASP A 261 19.04 8.50 -19.96
N TYR A 262 19.19 9.49 -19.08
CA TYR A 262 19.06 9.28 -17.64
C TYR A 262 18.82 10.64 -16.99
N TYR A 263 18.53 10.63 -15.69
CA TYR A 263 18.32 11.85 -14.94
C TYR A 263 19.24 11.89 -13.72
N VAL A 264 19.58 13.09 -13.26
CA VAL A 264 20.52 13.25 -12.17
C VAL A 264 19.96 14.21 -11.13
N LEU A 265 20.14 13.85 -9.86
CA LEU A 265 19.98 14.74 -8.71
C LEU A 265 21.23 14.65 -7.85
N ASP A 266 21.37 15.60 -6.93
CA ASP A 266 22.59 15.80 -6.15
C ASP A 266 22.41 15.25 -4.74
N ASP A 267 23.05 14.11 -4.44
CA ASP A 267 22.88 13.41 -3.17
C ASP A 267 24.03 13.73 -2.21
N ALA A 268 23.69 13.95 -0.94
CA ALA A 268 24.66 13.89 0.13
C ALA A 268 24.42 12.59 0.88
N VAL A 269 25.47 11.80 1.08
CA VAL A 269 25.37 10.45 1.62
C VAL A 269 26.25 10.36 2.85
N PHE A 270 25.65 9.94 3.97
CA PHE A 270 26.26 9.96 5.29
C PHE A 270 26.26 8.56 5.91
N VAL A 271 27.34 8.25 6.61
CA VAL A 271 27.34 7.15 7.56
C VAL A 271 27.23 7.75 8.95
N LEU A 272 26.22 7.34 9.71
CA LEU A 272 25.99 7.84 11.06
C LEU A 272 26.27 6.75 12.07
N LYS A 273 26.87 7.14 13.19
CA LYS A 273 27.00 6.20 14.30
C LYS A 273 26.22 6.71 15.51
N PRO A 274 25.65 5.79 16.29
CA PRO A 274 24.85 6.21 17.43
C PRO A 274 25.72 6.84 18.51
N VAL A 275 25.15 7.82 19.18
CA VAL A 275 25.83 8.57 20.23
C VAL A 275 24.84 8.83 21.37
N HIS B 11 -37.53 -17.49 -5.30
CA HIS B 11 -36.43 -17.36 -6.27
C HIS B 11 -35.18 -18.06 -5.73
N GLN B 12 -34.40 -18.65 -6.65
CA GLN B 12 -33.26 -19.49 -6.29
C GLN B 12 -32.21 -18.74 -5.48
N TRP B 13 -32.02 -17.44 -5.73
CA TRP B 13 -31.00 -16.68 -5.00
C TRP B 13 -31.43 -16.33 -3.58
N TYR B 14 -32.73 -16.39 -3.28
CA TYR B 14 -33.26 -15.85 -2.04
C TYR B 14 -33.91 -16.89 -1.13
N VAL B 15 -34.23 -18.08 -1.63
CA VAL B 15 -35.02 -19.05 -0.87
C VAL B 15 -34.18 -19.65 0.24
N CYS B 16 -34.82 -19.88 1.39
CA CYS B 16 -34.19 -20.45 2.56
C CYS B 16 -35.05 -21.60 3.08
N ASN B 17 -34.44 -22.76 3.28
CA ASN B 17 -35.15 -23.88 3.91
C ASN B 17 -35.15 -23.63 5.42
N ARG B 18 -36.24 -23.03 5.90
CA ARG B 18 -36.30 -22.57 7.28
C ARG B 18 -36.20 -23.70 8.29
N GLU B 19 -36.61 -24.93 7.93
CA GLU B 19 -36.62 -26.01 8.88
C GLU B 19 -35.21 -26.52 9.19
N LYS B 20 -34.22 -26.19 8.34
CA LYS B 20 -32.82 -26.47 8.62
C LYS B 20 -32.16 -25.44 9.52
N LEU B 21 -32.72 -24.23 9.60
CA LEU B 21 -32.23 -23.26 10.56
C LEU B 21 -32.44 -23.78 11.97
N CYS B 22 -31.49 -23.48 12.86
CA CYS B 22 -31.78 -23.73 14.26
C CYS B 22 -32.93 -22.83 14.72
N GLU B 23 -33.48 -23.16 15.88
CA GLU B 23 -34.71 -22.54 16.36
C GLU B 23 -34.55 -21.03 16.56
N SER B 24 -33.42 -20.59 17.13
CA SER B 24 -33.20 -19.17 17.34
C SER B 24 -33.04 -18.42 16.01
N LEU B 25 -32.46 -19.06 14.99
CA LEU B 25 -32.25 -18.39 13.71
C LEU B 25 -33.55 -18.30 12.93
N GLN B 26 -34.41 -19.32 13.02
CA GLN B 26 -35.74 -19.25 12.41
C GLN B 26 -36.50 -18.02 12.89
N ALA B 27 -36.21 -17.56 14.10
CA ALA B 27 -36.92 -16.43 14.67
C ALA B 27 -36.51 -15.09 14.08
N VAL B 28 -35.28 -14.99 13.55
CA VAL B 28 -34.74 -13.71 13.08
C VAL B 28 -34.51 -13.67 11.57
N PHE B 29 -34.90 -14.70 10.83
CA PHE B 29 -34.72 -14.67 9.39
C PHE B 29 -35.69 -13.68 8.74
N VAL B 30 -35.18 -12.91 7.78
CA VAL B 30 -35.98 -11.94 7.05
C VAL B 30 -35.85 -12.30 5.58
N GLN B 31 -36.98 -12.51 4.91
CA GLN B 31 -37.00 -12.94 3.52
C GLN B 31 -36.76 -11.74 2.62
N SER B 32 -35.86 -11.89 1.65
CA SER B 32 -35.63 -10.87 0.63
C SER B 32 -36.05 -11.43 -0.72
N TYR B 33 -36.12 -10.55 -1.72
CA TYR B 33 -36.56 -10.92 -3.05
C TYR B 33 -35.86 -10.03 -4.07
N LEU B 34 -35.92 -10.46 -5.34
CA LEU B 34 -35.35 -9.71 -6.45
C LEU B 34 -36.17 -8.44 -6.68
N ASP B 35 -35.67 -7.32 -6.16
CA ASP B 35 -36.44 -6.08 -6.15
C ASP B 35 -35.95 -5.12 -7.24
N GLN B 36 -36.51 -3.90 -7.26
CA GLN B 36 -36.25 -2.98 -8.37
C GLN B 36 -34.77 -2.57 -8.40
N GLY B 37 -34.19 -2.27 -7.24
CA GLY B 37 -32.78 -1.89 -7.22
C GLY B 37 -31.87 -3.02 -7.67
N THR B 38 -32.21 -4.26 -7.30
CA THR B 38 -31.47 -5.40 -7.81
C THR B 38 -31.55 -5.48 -9.33
N GLN B 39 -32.78 -5.42 -9.89
CA GLN B 39 -32.91 -5.53 -11.33
C GLN B 39 -32.23 -4.38 -12.07
N ILE B 40 -32.18 -3.20 -11.45
CA ILE B 40 -31.44 -2.08 -12.04
C ILE B 40 -29.95 -2.41 -12.12
N PHE B 41 -29.37 -2.93 -11.02
CA PHE B 41 -27.96 -3.33 -11.05
C PHE B 41 -27.71 -4.35 -12.16
N LEU B 42 -28.59 -5.35 -12.29
CA LEU B 42 -28.36 -6.36 -13.31
C LEU B 42 -28.53 -5.77 -14.70
N ASN B 43 -29.49 -4.87 -14.88
CA ASN B 43 -29.69 -4.22 -16.17
C ASN B 43 -28.45 -3.45 -16.59
N ASN B 44 -27.90 -2.64 -15.68
CA ASN B 44 -26.67 -1.90 -15.98
C ASN B 44 -25.50 -2.83 -16.25
N SER B 45 -25.38 -3.91 -15.47
CA SER B 45 -24.28 -4.84 -15.71
C SER B 45 -24.43 -5.53 -17.06
N ILE B 46 -25.66 -5.82 -17.48
CA ILE B 46 -25.88 -6.40 -18.80
C ILE B 46 -25.52 -5.40 -19.89
N GLU B 47 -25.90 -4.14 -19.71
CA GLU B 47 -25.54 -3.07 -20.65
C GLU B 47 -24.03 -2.94 -20.77
N LYS B 48 -23.32 -2.83 -19.65
CA LYS B 48 -21.87 -2.68 -19.67
C LYS B 48 -21.20 -3.83 -20.40
N SER B 49 -21.68 -5.06 -20.19
CA SER B 49 -21.08 -6.20 -20.87
C SER B 49 -21.33 -6.19 -22.37
N GLY B 50 -22.28 -5.40 -22.87
CA GLY B 50 -22.43 -5.24 -24.31
C GLY B 50 -21.49 -4.22 -24.95
N TRP B 51 -20.80 -3.43 -24.14
CA TRP B 51 -19.81 -2.46 -24.63
C TRP B 51 -18.54 -3.22 -25.00
N ALA B 52 -18.43 -3.61 -26.28
CA ALA B 52 -17.39 -4.53 -26.73
C ALA B 52 -15.99 -3.95 -26.58
N ALA B 53 -15.82 -2.67 -26.92
CA ALA B 53 -14.47 -2.09 -26.84
C ALA B 53 -14.05 -1.86 -25.39
N ILE B 54 -15.00 -1.48 -24.54
CA ILE B 54 -14.72 -1.33 -23.11
C ILE B 54 -14.27 -2.65 -22.52
N GLN B 55 -14.96 -3.75 -22.88
CA GLN B 55 -14.66 -5.03 -22.27
C GLN B 55 -13.31 -5.56 -22.73
N ALA B 56 -12.96 -5.32 -24.01
CA ALA B 56 -11.67 -5.76 -24.50
C ALA B 56 -10.53 -4.98 -23.84
N TYR B 57 -10.72 -3.67 -23.66
CA TYR B 57 -9.74 -2.86 -22.95
C TYR B 57 -9.51 -3.39 -21.53
N HIS B 58 -10.60 -3.54 -20.78
CA HIS B 58 -10.52 -4.10 -19.44
C HIS B 58 -9.77 -5.41 -19.42
N SER B 59 -10.06 -6.29 -20.38
CA SER B 59 -9.39 -7.59 -20.43
C SER B 59 -7.92 -7.45 -20.80
N ALA B 60 -7.61 -6.57 -21.76
CA ALA B 60 -6.21 -6.37 -22.13
C ALA B 60 -5.41 -5.77 -20.97
N VAL B 61 -5.95 -4.72 -20.35
CA VAL B 61 -5.25 -4.11 -19.22
C VAL B 61 -5.08 -5.11 -18.09
N SER B 62 -6.12 -5.89 -17.78
CA SER B 62 -5.99 -6.79 -16.62
C SER B 62 -4.97 -7.88 -16.90
N SER B 63 -4.89 -8.36 -18.15
CA SER B 63 -3.83 -9.29 -18.51
C SER B 63 -2.46 -8.62 -18.37
N ALA B 64 -2.31 -7.40 -18.88
CA ALA B 64 -1.02 -6.73 -18.86
C ALA B 64 -0.50 -6.60 -17.43
N PHE B 65 -1.38 -6.29 -16.48
CA PHE B 65 -0.95 -6.02 -15.10
C PHE B 65 -1.17 -7.19 -14.16
N SER B 66 -1.61 -8.35 -14.65
CA SER B 66 -1.95 -9.45 -13.75
C SER B 66 -0.76 -9.87 -12.89
N LEU B 67 0.45 -9.90 -13.46
CA LEU B 67 1.59 -10.38 -12.68
C LEU B 67 1.97 -9.42 -11.55
N ALA B 68 1.73 -8.11 -11.73
CA ALA B 68 2.32 -7.07 -10.89
C ALA B 68 1.36 -6.45 -9.90
N MET B 69 0.06 -6.68 -10.04
CA MET B 69 -0.93 -6.06 -9.20
C MET B 69 -1.93 -7.10 -8.72
N SER B 70 -2.51 -6.86 -7.56
CA SER B 70 -3.64 -7.67 -7.12
C SER B 70 -4.82 -7.45 -8.08
N ARG B 71 -5.62 -8.50 -8.24
CA ARG B 71 -6.82 -8.37 -9.07
C ARG B 71 -7.75 -7.28 -8.54
N THR B 72 -7.89 -7.18 -7.20
CA THR B 72 -8.67 -6.09 -6.61
C THR B 72 -8.11 -4.74 -7.05
N SER B 73 -6.79 -4.58 -7.02
CA SER B 73 -6.22 -3.29 -7.40
C SER B 73 -6.40 -3.01 -8.89
N ILE B 74 -6.34 -4.05 -9.72
CA ILE B 74 -6.62 -3.88 -11.15
C ILE B 74 -8.06 -3.41 -11.36
N ASN B 75 -9.02 -4.00 -10.64
CA ASN B 75 -10.41 -3.58 -10.80
C ASN B 75 -10.59 -2.12 -10.38
N GLY B 76 -9.92 -1.72 -9.30
CA GLY B 76 -10.07 -0.35 -8.84
C GLY B 76 -9.40 0.63 -9.77
N LEU B 77 -8.26 0.25 -10.34
CA LEU B 77 -7.59 1.08 -11.33
C LEU B 77 -8.53 1.39 -12.48
N LEU B 78 -9.21 0.35 -12.98
CA LEU B 78 -10.08 0.48 -14.15
C LEU B 78 -11.47 0.97 -13.81
N GLY B 79 -11.90 0.87 -12.56
CA GLY B 79 -13.28 1.19 -12.23
C GLY B 79 -14.25 0.12 -12.70
N ARG B 80 -13.84 -1.15 -12.67
CA ARG B 80 -14.61 -2.25 -13.22
C ARG B 80 -14.99 -3.24 -12.11
N GLY B 81 -15.85 -4.19 -12.48
CA GLY B 81 -16.21 -5.28 -11.58
C GLY B 81 -16.77 -4.85 -10.25
N SER B 82 -17.59 -3.80 -10.24
CA SER B 82 -18.29 -3.36 -9.04
C SER B 82 -19.33 -4.40 -8.65
N MET B 83 -19.70 -4.38 -7.37
CA MET B 83 -20.53 -5.43 -6.80
C MET B 83 -21.77 -4.86 -6.14
N PHE B 84 -22.67 -5.78 -5.80
CA PHE B 84 -23.97 -5.45 -5.24
C PHE B 84 -24.26 -6.47 -4.15
N VAL B 85 -24.63 -5.98 -2.98
CA VAL B 85 -25.03 -6.82 -1.85
C VAL B 85 -26.51 -6.66 -1.54
N PHE B 86 -26.98 -5.42 -1.44
CA PHE B 86 -28.38 -5.13 -1.15
C PHE B 86 -28.78 -3.81 -1.80
N SER B 87 -30.07 -3.68 -2.07
CA SER B 87 -30.63 -2.39 -2.48
C SER B 87 -30.79 -1.50 -1.25
N PRO B 88 -31.12 -0.21 -1.45
CA PRO B 88 -31.44 0.61 -0.28
C PRO B 88 -32.65 0.10 0.48
N ASP B 89 -33.63 -0.50 -0.21
CA ASP B 89 -34.80 -1.02 0.48
C ASP B 89 -34.46 -2.28 1.27
N GLN B 90 -33.68 -3.19 0.69
CA GLN B 90 -33.26 -4.37 1.44
C GLN B 90 -32.42 -3.99 2.64
N PHE B 91 -31.55 -2.99 2.48
CA PHE B 91 -30.74 -2.53 3.60
C PHE B 91 -31.63 -1.98 4.71
N GLN B 92 -32.63 -1.18 4.34
CA GLN B 92 -33.55 -0.60 5.32
C GLN B 92 -34.41 -1.67 5.98
N ARG B 93 -34.91 -2.63 5.22
CA ARG B 93 -35.73 -3.67 5.82
C ARG B 93 -34.92 -4.50 6.81
N LEU B 94 -33.66 -4.80 6.47
CA LEU B 94 -32.84 -5.61 7.36
C LEU B 94 -32.55 -4.89 8.66
N LEU B 95 -32.21 -3.60 8.59
CA LEU B 95 -31.91 -2.81 9.78
C LEU B 95 -33.16 -2.39 10.55
N LYS B 96 -34.36 -2.58 9.98
CA LYS B 96 -35.62 -2.11 10.57
C LYS B 96 -35.63 -0.59 10.70
N ILE B 97 -35.37 0.11 9.58
CA ILE B 97 -35.25 1.57 9.62
C ILE B 97 -36.08 2.18 8.50
N ASN B 98 -36.50 3.43 8.74
CA ASN B 98 -37.17 4.23 7.73
C ASN B 98 -36.16 4.72 6.71
N PRO B 99 -36.61 5.11 5.51
CA PRO B 99 -35.71 5.81 4.57
C PRO B 99 -35.06 7.05 5.16
N ASP B 100 -35.77 7.80 6.00
CA ASP B 100 -35.24 9.03 6.57
C ASP B 100 -34.27 8.81 7.73
N TRP B 101 -34.12 7.57 8.21
CA TRP B 101 -33.30 7.29 9.38
C TRP B 101 -31.88 7.81 9.19
N LYS B 102 -31.27 8.20 10.30
CA LYS B 102 -29.95 8.83 10.27
C LYS B 102 -29.28 8.63 11.62
N THR B 103 -27.96 8.39 11.58
CA THR B 103 -27.12 8.34 12.77
C THR B 103 -25.79 8.96 12.36
N HIS B 104 -24.79 8.88 13.26
CA HIS B 104 -23.63 9.75 13.11
C HIS B 104 -22.54 9.11 12.24
N ARG B 105 -21.98 7.99 12.68
CA ARG B 105 -20.77 7.43 12.07
C ARG B 105 -21.06 6.06 11.48
N LEU B 106 -20.67 5.89 10.22
CA LEU B 106 -20.58 4.60 9.57
C LEU B 106 -19.11 4.29 9.31
N LEU B 107 -18.69 3.07 9.62
CA LEU B 107 -17.37 2.58 9.26
C LEU B 107 -17.54 1.34 8.41
N ASP B 108 -17.10 1.41 7.15
CA ASP B 108 -17.10 0.28 6.22
C ASP B 108 -15.69 -0.27 6.12
N LEU B 109 -15.49 -1.52 6.56
CA LEU B 109 -14.20 -2.16 6.57
C LEU B 109 -13.99 -2.99 5.29
N GLY B 110 -12.85 -2.79 4.63
CA GLY B 110 -12.68 -3.41 3.33
C GLY B 110 -13.78 -2.97 2.39
N ALA B 111 -13.88 -1.66 2.17
CA ALA B 111 -14.99 -1.07 1.42
C ALA B 111 -14.87 -1.22 -0.08
N GLY B 112 -13.76 -1.76 -0.60
CA GLY B 112 -13.66 -1.93 -2.04
C GLY B 112 -13.67 -0.60 -2.77
N ASP B 113 -14.44 -0.53 -3.85
CA ASP B 113 -14.57 0.73 -4.54
C ASP B 113 -15.68 1.59 -3.97
N GLY B 114 -16.25 1.17 -2.83
CA GLY B 114 -17.30 1.90 -2.15
C GLY B 114 -18.64 1.93 -2.84
N GLU B 115 -18.84 1.14 -3.91
CA GLU B 115 -20.13 1.11 -4.59
C GLU B 115 -21.21 0.41 -3.77
N VAL B 116 -20.82 -0.45 -2.82
CA VAL B 116 -21.76 -0.96 -1.83
C VAL B 116 -21.87 0.00 -0.64
N THR B 117 -20.74 0.59 -0.23
CA THR B 117 -20.77 1.60 0.82
C THR B 117 -21.79 2.67 0.54
N LYS B 118 -21.87 3.10 -0.73
CA LYS B 118 -22.74 4.21 -1.11
C LYS B 118 -24.22 3.87 -0.96
N ILE B 119 -24.59 2.59 -0.95
CA ILE B 119 -25.97 2.24 -0.65
C ILE B 119 -26.32 2.60 0.79
N MET B 120 -25.37 2.41 1.70
CA MET B 120 -25.61 2.65 3.12
C MET B 120 -25.41 4.12 3.50
N SER B 121 -24.58 4.84 2.74
CA SER B 121 -24.10 6.15 3.16
C SER B 121 -25.19 7.20 3.44
N PRO B 122 -26.32 7.28 2.69
CA PRO B 122 -27.30 8.35 2.98
C PRO B 122 -27.80 8.39 4.41
N HIS B 123 -27.70 7.29 5.16
CA HIS B 123 -28.18 7.22 6.53
C HIS B 123 -27.13 7.64 7.56
N PHE B 124 -26.08 8.34 7.14
CA PHE B 124 -24.97 8.63 8.03
C PHE B 124 -24.42 10.03 7.76
N GLU B 125 -23.99 10.69 8.84
CA GLU B 125 -23.38 12.02 8.73
C GLU B 125 -21.92 11.93 8.31
N GLU B 126 -21.16 11.01 8.93
CA GLU B 126 -19.75 10.79 8.62
C GLU B 126 -19.55 9.36 8.17
N ILE B 127 -18.75 9.18 7.12
CA ILE B 127 -18.50 7.87 6.52
C ILE B 127 -17.00 7.59 6.53
N TYR B 128 -16.58 6.58 7.30
CA TYR B 128 -15.21 6.10 7.35
C TYR B 128 -15.08 4.77 6.60
N ALA B 129 -13.87 4.48 6.12
CA ALA B 129 -13.63 3.26 5.35
C ALA B 129 -12.20 2.79 5.55
N THR B 130 -11.98 1.48 5.40
CA THR B 130 -10.64 0.92 5.35
C THR B 130 -10.45 0.14 4.06
N GLU B 131 -9.20 -0.07 3.66
CA GLU B 131 -8.91 -0.80 2.43
C GLU B 131 -7.43 -1.11 2.36
N LEU B 132 -7.09 -2.28 1.83
CA LEU B 132 -5.69 -2.58 1.56
C LEU B 132 -5.26 -2.20 0.15
N SER B 133 -6.19 -1.97 -0.77
CA SER B 133 -5.83 -1.71 -2.16
C SER B 133 -5.64 -0.21 -2.41
N GLU B 134 -4.48 0.14 -2.97
CA GLU B 134 -4.12 1.52 -3.28
C GLU B 134 -5.14 2.19 -4.18
N THR B 135 -5.60 1.48 -5.22
CA THR B 135 -6.54 2.08 -6.15
C THR B 135 -7.96 2.07 -5.63
N MET B 136 -8.30 1.13 -4.73
CA MET B 136 -9.59 1.19 -4.06
C MET B 136 -9.64 2.38 -3.12
N ILE B 137 -8.56 2.62 -2.38
CA ILE B 137 -8.44 3.84 -1.59
C ILE B 137 -8.70 5.06 -2.47
N TRP B 138 -8.17 5.05 -3.69
CA TRP B 138 -8.42 6.16 -4.61
C TRP B 138 -9.91 6.25 -4.98
N GLN B 139 -10.55 5.10 -5.24
CA GLN B 139 -12.00 5.12 -5.44
C GLN B 139 -12.72 5.65 -4.21
N LEU B 140 -12.34 5.21 -3.02
CA LEU B 140 -13.01 5.64 -1.80
C LEU B 140 -12.83 7.14 -1.55
N GLN B 141 -11.61 7.65 -1.80
CA GLN B 141 -11.38 9.09 -1.64
C GLN B 141 -12.01 9.91 -2.76
N LYS B 142 -12.27 9.31 -3.93
CA LYS B 142 -13.10 9.99 -4.93
C LYS B 142 -14.52 10.20 -4.43
N LYS B 143 -15.04 9.28 -3.62
CA LYS B 143 -16.37 9.45 -3.04
C LYS B 143 -16.35 10.25 -1.73
N LYS B 144 -15.19 10.74 -1.33
CA LYS B 144 -15.03 11.65 -0.19
C LYS B 144 -15.23 10.94 1.15
N TYR B 145 -15.06 9.63 1.17
CA TYR B 145 -15.04 8.91 2.44
C TYR B 145 -13.70 9.15 3.15
N ARG B 146 -13.70 8.94 4.46
CA ARG B 146 -12.51 9.16 5.29
C ARG B 146 -11.80 7.82 5.44
N VAL B 147 -10.73 7.62 4.68
CA VAL B 147 -9.99 6.37 4.75
C VAL B 147 -9.13 6.35 6.00
N LEU B 148 -9.25 5.30 6.79
CA LEU B 148 -8.43 5.08 7.97
C LEU B 148 -7.54 3.87 7.76
N GLY B 149 -6.38 3.88 8.40
CA GLY B 149 -5.53 2.70 8.39
C GLY B 149 -6.17 1.50 9.08
N ILE B 150 -5.70 0.32 8.68
CA ILE B 150 -6.30 -0.92 9.15
C ILE B 150 -5.99 -1.17 10.62
N ASN B 151 -4.93 -0.55 11.15
CA ASN B 151 -4.65 -0.57 12.58
C ASN B 151 -4.93 0.77 13.23
N GLU B 152 -5.63 1.66 12.52
CA GLU B 152 -5.97 2.99 13.02
C GLU B 152 -7.39 3.06 13.55
N TRP B 153 -8.34 2.43 12.87
CA TRP B 153 -9.76 2.68 13.13
C TRP B 153 -10.18 2.23 14.53
N GLN B 154 -9.57 1.18 15.08
CA GLN B 154 -9.97 0.70 16.40
C GLN B 154 -9.20 1.39 17.52
N ASN B 155 -8.48 2.46 17.19
CA ASN B 155 -7.61 3.15 18.14
C ASN B 155 -7.73 4.66 18.03
N THR B 156 -8.80 5.18 17.41
CA THR B 156 -8.99 6.60 17.28
C THR B 156 -9.53 7.26 18.53
N GLY B 157 -9.94 6.48 19.53
CA GLY B 157 -10.53 7.01 20.73
C GLY B 157 -12.03 7.19 20.68
N PHE B 158 -12.62 7.25 19.49
CA PHE B 158 -14.07 7.41 19.36
C PHE B 158 -14.70 6.15 18.76
N GLN B 159 -16.02 6.12 18.80
CA GLN B 159 -16.81 4.93 18.46
C GLN B 159 -17.64 5.17 17.20
N TYR B 160 -18.23 4.08 16.72
CA TYR B 160 -18.99 4.06 15.48
C TYR B 160 -20.39 3.53 15.77
N ASP B 161 -21.40 4.20 15.18
CA ASP B 161 -22.79 3.80 15.36
C ASP B 161 -23.15 2.57 14.55
N VAL B 162 -22.54 2.41 13.38
CA VAL B 162 -22.76 1.24 12.56
C VAL B 162 -21.42 0.87 11.93
N ILE B 163 -20.96 -0.34 12.16
CA ILE B 163 -19.74 -0.84 11.55
C ILE B 163 -20.14 -1.85 10.49
N SER B 164 -19.76 -1.55 9.26
CA SER B 164 -20.04 -2.39 8.10
C SER B 164 -18.85 -3.29 7.83
N CYS B 165 -19.10 -4.61 7.69
CA CYS B 165 -18.04 -5.61 7.46
C CYS B 165 -18.54 -6.59 6.41
N LEU B 166 -18.52 -6.14 5.14
CA LEU B 166 -19.19 -6.87 4.05
C LEU B 166 -18.17 -7.64 3.24
N ASN B 167 -18.25 -8.95 3.31
CA ASN B 167 -17.46 -9.86 2.48
C ASN B 167 -15.96 -9.66 2.70
N LEU B 168 -15.58 -9.44 3.95
CA LEU B 168 -14.20 -9.33 4.38
C LEU B 168 -13.74 -10.49 5.25
N LEU B 169 -14.62 -11.10 6.05
CA LEU B 169 -14.17 -12.10 7.01
C LEU B 169 -13.46 -13.25 6.33
N ASP B 170 -13.84 -13.58 5.11
CA ASP B 170 -13.20 -14.65 4.37
C ASP B 170 -12.05 -14.15 3.49
N ARG B 171 -11.66 -12.90 3.65
CA ARG B 171 -10.59 -12.34 2.84
C ARG B 171 -9.52 -11.64 3.68
N CYS B 172 -9.67 -11.60 4.99
CA CYS B 172 -8.66 -10.95 5.82
C CYS B 172 -7.83 -12.01 6.53
N ASP B 173 -6.72 -11.54 7.11
CA ASP B 173 -5.71 -12.43 7.67
C ASP B 173 -6.09 -12.89 9.06
N GLN B 174 -6.75 -12.03 9.83
CA GLN B 174 -7.15 -12.30 11.22
C GLN B 174 -8.63 -11.95 11.42
N PRO B 175 -9.54 -12.84 11.02
CA PRO B 175 -10.97 -12.52 11.16
C PRO B 175 -11.49 -12.54 12.61
N LEU B 176 -10.91 -13.34 13.50
CA LEU B 176 -11.38 -13.33 14.89
C LEU B 176 -11.00 -12.03 15.60
N THR B 177 -9.75 -11.62 15.45
CA THR B 177 -9.33 -10.33 15.99
C THR B 177 -10.18 -9.19 15.42
N LEU B 178 -10.53 -9.28 14.13
CA LEU B 178 -11.31 -8.22 13.48
C LEU B 178 -12.70 -8.12 14.10
N LEU B 179 -13.43 -9.23 14.16
CA LEU B 179 -14.70 -9.23 14.87
C LEU B 179 -14.56 -8.64 16.26
N LYS B 180 -13.47 -8.98 16.97
CA LYS B 180 -13.28 -8.47 18.32
C LYS B 180 -12.91 -6.99 18.31
N ASP B 181 -12.12 -6.55 17.33
CA ASP B 181 -11.85 -5.12 17.18
C ASP B 181 -13.13 -4.35 16.94
N ILE B 182 -14.00 -4.88 16.08
CA ILE B 182 -15.28 -4.23 15.80
C ILE B 182 -16.09 -4.07 17.08
N ARG B 183 -16.15 -5.13 17.88
CA ARG B 183 -16.89 -5.08 19.13
C ARG B 183 -16.41 -3.93 20.02
N SER B 184 -15.09 -3.78 20.14
CA SER B 184 -14.54 -2.86 21.14
C SER B 184 -14.71 -1.39 20.79
N VAL B 185 -15.07 -1.03 19.56
CA VAL B 185 -15.29 0.37 19.20
C VAL B 185 -16.69 0.62 18.64
N LEU B 186 -17.54 -0.40 18.62
CA LEU B 186 -18.94 -0.18 18.29
C LEU B 186 -19.63 0.57 19.41
N GLU B 187 -20.47 1.54 19.07
CA GLU B 187 -21.23 2.24 20.09
C GLU B 187 -22.21 1.26 20.76
N PRO B 188 -22.20 1.14 22.09
CA PRO B 188 -22.87 -0.02 22.73
C PRO B 188 -24.40 0.04 22.76
N THR B 189 -25.01 1.22 22.92
CA THR B 189 -26.43 1.24 23.24
C THR B 189 -27.31 1.03 22.01
N ARG B 190 -26.93 1.62 20.86
CA ARG B 190 -27.69 1.48 19.63
C ARG B 190 -26.87 0.93 18.48
N GLY B 191 -25.57 0.70 18.68
CA GLY B 191 -24.72 0.31 17.58
C GLY B 191 -25.02 -1.08 17.05
N ARG B 192 -24.83 -1.24 15.75
CA ARG B 192 -25.12 -2.47 15.04
C ARG B 192 -24.03 -2.74 14.01
N VAL B 193 -23.76 -4.02 13.78
CA VAL B 193 -22.82 -4.47 12.77
C VAL B 193 -23.61 -5.09 11.64
N ILE B 194 -23.29 -4.70 10.39
CA ILE B 194 -23.77 -5.42 9.21
C ILE B 194 -22.63 -6.28 8.71
N LEU B 195 -22.90 -7.56 8.55
CA LEU B 195 -21.88 -8.52 8.16
C LEU B 195 -22.44 -9.34 7.02
N ALA B 196 -21.66 -9.47 5.96
CA ALA B 196 -21.99 -10.30 4.82
C ALA B 196 -20.90 -11.32 4.64
N LEU B 197 -21.28 -12.57 4.44
CA LEU B 197 -20.31 -13.64 4.26
C LEU B 197 -20.80 -14.59 3.17
N VAL B 198 -19.89 -14.95 2.29
CA VAL B 198 -20.18 -15.86 1.19
C VAL B 198 -20.11 -17.29 1.70
N LEU B 199 -21.16 -18.07 1.42
CA LEU B 199 -21.18 -19.49 1.69
C LEU B 199 -21.33 -20.26 0.39
N PRO B 200 -20.63 -21.41 0.22
CA PRO B 200 -19.75 -22.12 1.18
C PRO B 200 -18.52 -21.31 1.59
N PHE B 201 -18.18 -21.39 2.87
CA PHE B 201 -17.04 -20.67 3.40
C PHE B 201 -15.73 -21.19 2.80
N HIS B 202 -14.95 -20.29 2.22
CA HIS B 202 -13.63 -20.63 1.69
C HIS B 202 -12.76 -19.39 1.83
N PRO B 203 -12.06 -19.24 2.95
CA PRO B 203 -11.26 -18.05 3.17
C PRO B 203 -9.84 -18.17 2.61
N TYR B 204 -9.33 -17.03 2.14
CA TYR B 204 -7.93 -16.86 1.76
C TYR B 204 -7.63 -15.37 1.81
N VAL B 205 -6.34 -15.05 1.76
CA VAL B 205 -5.88 -13.67 1.72
C VAL B 205 -5.31 -13.43 0.33
N GLU B 206 -5.96 -12.53 -0.41
CA GLU B 206 -5.55 -12.23 -1.78
C GLU B 206 -4.14 -11.65 -1.79
N ASN B 207 -3.33 -12.10 -2.74
CA ASN B 207 -1.99 -11.57 -2.95
C ASN B 207 -1.93 -10.98 -4.36
N VAL B 208 -0.73 -10.62 -4.78
CA VAL B 208 -0.52 -10.11 -6.12
C VAL B 208 -0.53 -11.27 -7.10
N GLY B 209 -1.01 -11.02 -8.31
CA GLY B 209 -0.85 -11.98 -9.39
C GLY B 209 -1.61 -13.28 -9.22
N GLY B 210 -2.82 -13.22 -8.69
CA GLY B 210 -3.58 -14.42 -8.45
C GLY B 210 -3.02 -15.33 -7.38
N LYS B 211 -1.92 -14.95 -6.73
CA LYS B 211 -1.43 -15.73 -5.61
C LYS B 211 -2.35 -15.52 -4.41
N TRP B 212 -2.21 -16.40 -3.43
CA TRP B 212 -2.99 -16.32 -2.21
C TRP B 212 -2.17 -16.89 -1.06
N GLU B 213 -2.63 -16.62 0.15
CA GLU B 213 -1.99 -17.12 1.37
C GLU B 213 -3.09 -17.52 2.36
N LYS B 214 -2.78 -18.51 3.19
CA LYS B 214 -3.78 -18.94 4.18
C LYS B 214 -3.90 -17.91 5.29
N PRO B 215 -5.10 -17.67 5.80
CA PRO B 215 -5.25 -16.76 6.95
C PRO B 215 -4.61 -17.33 8.20
N SER B 216 -4.32 -16.42 9.12
CA SER B 216 -3.64 -16.79 10.35
C SER B 216 -4.61 -17.34 11.39
N GLU B 217 -5.85 -16.86 11.38
CA GLU B 217 -6.89 -17.32 12.29
C GLU B 217 -7.92 -18.06 11.47
N ILE B 218 -8.35 -19.23 11.95
CA ILE B 218 -9.28 -20.08 11.23
C ILE B 218 -10.62 -20.06 11.95
N LEU B 219 -11.70 -19.82 11.19
CA LEU B 219 -13.07 -19.81 11.69
C LEU B 219 -13.72 -21.18 11.48
N GLU B 220 -14.32 -21.72 12.55
CA GLU B 220 -14.95 -23.03 12.49
C GLU B 220 -16.37 -22.88 11.95
N ILE B 221 -16.46 -22.77 10.63
CA ILE B 221 -17.73 -22.63 9.93
C ILE B 221 -17.89 -23.86 9.04
N LYS B 222 -18.84 -24.73 9.41
CA LYS B 222 -19.02 -26.02 8.74
C LYS B 222 -20.48 -26.23 8.41
N GLY B 223 -20.72 -27.03 7.37
CA GLY B 223 -22.05 -27.35 6.94
C GLY B 223 -22.05 -27.83 5.51
N GLN B 224 -23.12 -28.51 5.13
CA GLN B 224 -23.23 -29.03 3.77
C GLN B 224 -24.15 -28.20 2.88
N ASN B 225 -24.75 -27.15 3.44
CA ASN B 225 -25.57 -26.23 2.66
C ASN B 225 -25.62 -24.92 3.43
N TRP B 226 -26.23 -23.92 2.78
CA TRP B 226 -26.30 -22.57 3.34
C TRP B 226 -26.82 -22.58 4.77
N GLU B 227 -27.93 -23.30 5.00
CA GLU B 227 -28.56 -23.30 6.31
C GLU B 227 -27.65 -23.90 7.38
N GLU B 228 -27.00 -25.02 7.06
CA GLU B 228 -26.11 -25.65 8.02
C GLU B 228 -24.92 -24.76 8.34
N GLN B 229 -24.34 -24.12 7.31
CA GLN B 229 -23.20 -23.24 7.56
C GLN B 229 -23.60 -22.03 8.39
N VAL B 230 -24.78 -21.45 8.14
CA VAL B 230 -25.25 -20.35 8.96
C VAL B 230 -25.47 -20.81 10.40
N ASN B 231 -25.89 -22.06 10.61
CA ASN B 231 -26.04 -22.58 11.97
C ASN B 231 -24.72 -22.63 12.69
N SER B 232 -23.62 -22.83 11.95
CA SER B 232 -22.28 -22.79 12.54
C SER B 232 -21.86 -21.37 12.93
N LEU B 233 -22.65 -20.36 12.62
CA LEU B 233 -22.20 -18.97 12.79
C LEU B 233 -22.51 -18.37 14.17
N PRO B 234 -23.68 -18.62 14.78
CA PRO B 234 -23.92 -18.05 16.13
C PRO B 234 -22.78 -18.23 17.11
N GLU B 235 -22.09 -19.37 17.07
CA GLU B 235 -20.99 -19.56 18.02
C GLU B 235 -19.78 -18.68 17.66
N VAL B 236 -19.50 -18.50 16.37
CA VAL B 236 -18.39 -17.63 15.96
C VAL B 236 -18.65 -16.20 16.42
N PHE B 237 -19.84 -15.68 16.13
CA PHE B 237 -20.14 -14.30 16.50
C PHE B 237 -20.08 -14.11 18.01
N ARG B 238 -20.50 -15.15 18.76
CA ARG B 238 -20.60 -15.03 20.21
C ARG B 238 -19.23 -14.97 20.86
N LYS B 239 -18.26 -15.77 20.37
CA LYS B 239 -16.91 -15.64 20.87
C LYS B 239 -16.40 -14.20 20.82
N ALA B 240 -16.97 -13.37 19.94
CA ALA B 240 -16.57 -11.97 19.81
C ALA B 240 -17.54 -11.01 20.47
N GLY B 241 -18.55 -11.52 21.18
CA GLY B 241 -19.50 -10.67 21.89
C GLY B 241 -20.67 -10.18 21.07
N PHE B 242 -21.13 -10.96 20.09
CA PHE B 242 -22.24 -10.54 19.26
C PHE B 242 -23.33 -11.59 19.25
N VAL B 243 -24.56 -11.13 19.01
CA VAL B 243 -25.71 -12.00 18.82
C VAL B 243 -26.52 -11.49 17.61
N ILE B 244 -27.01 -12.43 16.80
CA ILE B 244 -27.65 -12.09 15.53
C ILE B 244 -29.04 -11.51 15.80
N GLU B 245 -29.23 -10.26 15.41
CA GLU B 245 -30.55 -9.63 15.54
C GLU B 245 -31.43 -9.83 14.32
N ALA B 246 -30.85 -9.96 13.12
CA ALA B 246 -31.63 -10.20 11.92
C ALA B 246 -30.68 -10.63 10.80
N PHE B 247 -31.18 -11.48 9.89
CA PHE B 247 -30.32 -11.93 8.81
C PHE B 247 -31.17 -12.42 7.64
N THR B 248 -30.52 -12.50 6.47
CA THR B 248 -31.19 -12.79 5.21
C THR B 248 -30.20 -13.43 4.25
N ARG B 249 -30.73 -14.01 3.17
CA ARG B 249 -29.92 -14.53 2.10
C ARG B 249 -30.06 -13.60 0.91
N LEU B 250 -28.93 -13.19 0.35
CA LEU B 250 -28.93 -12.25 -0.78
C LEU B 250 -27.88 -12.69 -1.78
N PRO B 251 -28.15 -12.61 -3.07
CA PRO B 251 -27.10 -12.84 -4.08
C PRO B 251 -26.06 -11.73 -4.00
N TYR B 252 -24.80 -12.13 -3.85
CA TYR B 252 -23.67 -11.21 -3.94
C TYR B 252 -23.35 -11.03 -5.42
N LEU B 253 -23.83 -9.93 -6.03
CA LEU B 253 -23.76 -9.76 -7.47
C LEU B 253 -22.54 -8.94 -7.86
N CYS B 254 -22.02 -9.21 -9.06
CA CYS B 254 -20.84 -8.52 -9.53
C CYS B 254 -20.97 -8.29 -11.03
N GLU B 255 -20.44 -7.17 -11.50
CA GLU B 255 -20.49 -6.87 -12.93
C GLU B 255 -19.72 -7.92 -13.72
N GLY B 256 -20.16 -8.16 -14.95
CA GLY B 256 -19.59 -9.19 -15.78
C GLY B 256 -18.44 -8.74 -16.65
N ASP B 257 -18.11 -9.61 -17.62
CA ASP B 257 -16.97 -9.40 -18.50
C ASP B 257 -17.32 -9.79 -19.93
N MET B 258 -16.35 -10.35 -20.64
CA MET B 258 -16.57 -10.74 -22.04
C MET B 258 -17.41 -12.00 -22.16
N TYR B 259 -17.54 -12.77 -21.09
CA TYR B 259 -18.14 -14.10 -21.17
C TYR B 259 -19.49 -14.21 -20.49
N ASN B 260 -19.76 -13.40 -19.46
CA ASN B 260 -21.03 -13.47 -18.75
C ASN B 260 -21.49 -12.05 -18.43
N ASP B 261 -22.82 -11.86 -18.37
CA ASP B 261 -23.34 -10.52 -18.11
C ASP B 261 -23.10 -10.08 -16.66
N TYR B 262 -22.89 -11.02 -15.76
CA TYR B 262 -22.64 -10.72 -14.36
C TYR B 262 -22.24 -12.04 -13.68
N TYR B 263 -21.74 -11.93 -12.46
CA TYR B 263 -21.40 -13.11 -11.69
C TYR B 263 -22.14 -13.06 -10.37
N VAL B 264 -22.33 -14.24 -9.76
CA VAL B 264 -23.18 -14.37 -8.57
C VAL B 264 -22.45 -15.21 -7.53
N LEU B 265 -22.52 -14.76 -6.28
CA LEU B 265 -22.18 -15.57 -5.12
C LEU B 265 -23.32 -15.49 -4.11
N ASP B 266 -23.26 -16.37 -3.12
CA ASP B 266 -24.34 -16.56 -2.15
C ASP B 266 -23.94 -15.85 -0.85
N ASP B 267 -24.62 -14.75 -0.54
CA ASP B 267 -24.32 -13.99 0.67
C ASP B 267 -25.32 -14.30 1.77
N ALA B 268 -24.81 -14.43 2.98
CA ALA B 268 -25.60 -14.40 4.20
C ALA B 268 -25.32 -13.05 4.83
N VAL B 269 -26.36 -12.24 5.01
CA VAL B 269 -26.17 -10.86 5.46
C VAL B 269 -26.82 -10.71 6.83
N PHE B 270 -26.03 -10.27 7.80
CA PHE B 270 -26.45 -10.23 9.19
C PHE B 270 -26.51 -8.80 9.69
N VAL B 271 -27.45 -8.56 10.59
CA VAL B 271 -27.37 -7.45 11.53
C VAL B 271 -27.02 -8.05 12.88
N LEU B 272 -25.88 -7.65 13.43
CA LEU B 272 -25.40 -8.15 14.70
C LEU B 272 -25.58 -7.08 15.77
N LYS B 273 -26.03 -7.51 16.95
CA LYS B 273 -26.05 -6.60 18.08
C LYS B 273 -25.11 -7.10 19.18
N PRO B 274 -24.52 -6.20 19.96
CA PRO B 274 -23.58 -6.63 20.99
C PRO B 274 -24.27 -7.39 22.12
N VAL B 275 -23.53 -8.34 22.71
CA VAL B 275 -23.99 -9.03 23.91
C VAL B 275 -23.64 -8.15 25.11
N HIS C 2 6.37 12.07 -20.38
CA HIS C 2 7.63 12.41 -19.70
C HIS C 2 7.58 12.15 -18.18
N GLN C 3 8.46 11.27 -17.71
CA GLN C 3 8.48 10.87 -16.31
C GLN C 3 9.61 11.51 -15.50
N GLY C 4 10.73 11.87 -16.12
CA GLY C 4 11.84 12.49 -15.40
C GLY C 4 12.43 11.57 -14.33
N HIS C 5 13.10 12.21 -13.35
CA HIS C 5 13.69 11.50 -12.24
C HIS C 5 12.61 10.89 -11.34
N SER C 6 12.75 9.61 -11.03
CA SER C 6 11.75 8.92 -10.21
C SER C 6 11.60 9.52 -8.80
N MHS C 7 12.61 10.27 -8.36
CA MHS C 7 12.55 10.91 -7.02
C MHS C 7 11.66 12.18 -7.04
O MHS C 7 11.24 12.66 -6.01
CB MHS C 7 13.96 11.30 -6.51
CG MHS C 7 13.97 11.91 -5.15
ND1 MHS C 7 13.73 11.26 -3.97
CD2 MHS C 7 14.24 13.23 -4.75
CE1 MHS C 7 13.84 12.13 -2.90
NE2 MHS C 7 14.15 13.34 -3.37
CM MHS C 7 13.42 9.92 -3.83
N GLY C 8 11.43 12.72 -8.24
CA GLY C 8 10.67 13.95 -8.37
C GLY C 8 11.50 15.11 -8.88
N HIS C 9 10.88 16.29 -8.92
CA HIS C 9 11.55 17.49 -9.40
C HIS C 9 12.34 18.15 -8.28
N GLN C 10 13.46 18.74 -8.67
CA GLN C 10 14.33 19.42 -7.74
C GLN C 10 14.20 20.94 -7.82
N GLY C 11 14.20 21.58 -6.66
CA GLY C 11 14.11 23.03 -6.55
C GLY C 11 15.48 23.65 -6.48
N GLY C 12 15.58 24.87 -5.97
CA GLY C 12 16.85 25.55 -5.86
C GLY C 12 17.15 25.91 -4.43
N TYR C 13 18.35 26.43 -4.19
CA TYR C 13 18.77 26.84 -2.85
C TYR C 13 18.13 28.15 -2.44
N HIS D 2 -11.10 -13.21 -19.11
CA HIS D 2 -12.05 -13.73 -18.15
C HIS D 2 -11.77 -13.24 -16.72
N GLN D 3 -12.70 -12.43 -16.17
CA GLN D 3 -12.46 -11.80 -14.88
C GLN D 3 -13.17 -12.49 -13.73
N GLY D 4 -14.36 -13.06 -13.95
CA GLY D 4 -15.07 -13.71 -12.87
C GLY D 4 -15.55 -12.71 -11.82
N HIS D 5 -16.04 -13.27 -10.73
CA HIS D 5 -16.52 -12.44 -9.63
C HIS D 5 -15.34 -11.72 -8.97
N SER D 6 -15.49 -10.43 -8.71
CA SER D 6 -14.39 -9.68 -8.08
C SER D 6 -14.06 -10.14 -6.65
N MHS D 7 -14.95 -10.89 -6.02
CA MHS D 7 -14.66 -11.45 -4.68
C MHS D 7 -13.70 -12.65 -4.81
O MHS D 7 -13.03 -13.01 -3.88
CB MHS D 7 -15.95 -11.90 -4.00
CG MHS D 7 -15.80 -12.54 -2.67
ND1 MHS D 7 -15.46 -11.89 -1.49
CD2 MHS D 7 -16.01 -13.86 -2.29
CE1 MHS D 7 -15.45 -12.79 -0.45
NE2 MHS D 7 -15.78 -14.01 -0.91
CM MHS D 7 -15.17 -10.51 -1.36
N GLY D 8 -13.67 -13.25 -6.00
CA GLY D 8 -12.76 -14.35 -6.28
C GLY D 8 -13.50 -15.63 -6.62
N HIS D 9 -12.74 -16.69 -6.90
CA HIS D 9 -13.34 -17.99 -7.21
C HIS D 9 -14.07 -18.54 -5.98
N GLN D 10 -15.00 -19.46 -6.24
CA GLN D 10 -15.76 -20.12 -5.18
C GLN D 10 -15.64 -21.63 -5.32
N GLY D 11 -15.58 -22.33 -4.19
CA GLY D 11 -15.61 -23.77 -4.16
C GLY D 11 -17.01 -24.30 -3.93
N GLY D 12 -17.08 -25.55 -3.45
CA GLY D 12 -18.32 -26.18 -3.11
C GLY D 12 -18.44 -26.42 -1.61
N TYR D 13 -19.59 -26.94 -1.22
CA TYR D 13 -19.87 -27.26 0.18
C TYR D 13 -19.07 -28.46 0.67
N SAH E . 15.48 4.42 -1.20
CA SAH E . 15.26 4.48 -2.65
CB SAH E . 13.91 5.10 -3.02
CG SAH E . 13.73 6.57 -2.63
SD SAH E . 12.16 7.20 -3.30
C SAH E . 16.36 5.28 -3.34
O SAH E . 17.18 5.91 -2.68
OXT SAH E . 16.44 5.31 -4.58
C5' SAH E . 11.37 7.40 -1.71
C4' SAH E . 10.51 6.17 -1.42
O4' SAH E . 9.97 6.27 -0.13
C3' SAH E . 9.33 5.98 -2.36
O3' SAH E . 9.42 4.65 -2.87
C2' SAH E . 8.10 6.13 -1.47
O2' SAH E . 7.05 5.24 -1.78
C1' SAH E . 8.65 5.76 -0.13
N9 SAH E . 8.04 6.35 1.05
C8 SAH E . 7.56 7.62 1.29
N7 SAH E . 7.17 7.67 2.60
C5 SAH E . 7.40 6.46 3.17
C6 SAH E . 7.20 5.96 4.44
N6 SAH E . 6.67 6.72 5.41
N1 SAH E . 7.58 4.68 4.72
C2 SAH E . 8.12 3.87 3.74
N3 SAH E . 8.31 4.35 2.47
C4 SAH E . 7.96 5.64 2.21
N SAH F . -16.97 -4.67 0.96
CA SAH F . -16.92 -4.86 -0.48
CB SAH F . -15.58 -5.45 -0.89
CG SAH F . -15.31 -6.85 -0.36
SD SAH F . -13.97 -7.63 -1.30
C SAH F . -18.06 -5.76 -0.93
O SAH F . -18.79 -6.34 -0.10
OXT SAH F . -18.29 -5.93 -2.13
C5' SAH F . -12.83 -7.67 0.11
C4' SAH F . -12.03 -6.38 0.21
O4' SAH F . -11.39 -6.29 1.46
C3' SAH F . -10.94 -6.26 -0.85
O3' SAH F . -11.18 -5.06 -1.54
C2' SAH F . -9.64 -6.15 -0.07
O2' SAH F . -8.78 -5.19 -0.67
C1' SAH F . -10.13 -5.67 1.28
N9 SAH F . -9.34 -6.10 2.44
C8 SAH F . -8.79 -7.34 2.62
N7 SAH F . -8.20 -7.37 3.84
C5 SAH F . -8.36 -6.17 4.41
C6 SAH F . -7.94 -5.69 5.65
N6 SAH F . -7.24 -6.48 6.46
N1 SAH F . -8.28 -4.39 5.99
C2 SAH F . -9.00 -3.60 5.12
N3 SAH F . -9.41 -4.08 3.89
C4 SAH F . -9.09 -5.35 3.55
#